data_3HL4
#
_entry.id   3HL4
#
_cell.length_a   88.973
_cell.length_b   129.348
_cell.length_c   43.565
_cell.angle_alpha   90.00
_cell.angle_beta   90.00
_cell.angle_gamma   90.00
#
_symmetry.space_group_name_H-M   'P 21 21 2'
#
loop_
_entity.id
_entity.type
_entity.pdbx_description
1 polymer 'Choline-phosphate cytidylyltransferase A'
2 non-polymer "[2-CYTIDYLATE-O'-PHOSPHONYLOXYL]-ETHYL-TRIMETHYL-AMMONIUM"
3 non-polymer GLYCEROL
4 non-polymer 'FORMIC ACID'
5 water water
#
_entity_poly.entity_id   1
_entity_poly.type   'polypeptide(L)'
_entity_poly.pdbx_seq_one_letter_code
;MDAQSSAKVNSRKRRKEVPGPNGATEEDGIPSKVQRCAVGLRQPAPFSDEIEVDFSKPYVRVTMEEACRGTPCERPVRVY
ADGIFDLFHSGHARALMQAKNLFPNTYLIVGVCSDELTHNFKGFTVMNENERYDAVQHCRYVDEVVRNAPWTLTPEFLAE
HRIDFVAHDDIPYSSAGSDDVYKHIKEAGMFAPTQRTEGISTSDIITRIVRDYDVYARRNLQRGYTAKELNVSFIN
;
_entity_poly.pdbx_strand_id   A,B
#
loop_
_chem_comp.id
_chem_comp.type
_chem_comp.name
_chem_comp.formula
CDC non-polymer [2-CYTIDYLATE-O'-PHOSPHONYLOXYL]-ETHYL-TRIMETHYL-AMMONIUM 'C14 H26 N4 O11 P2'
FMT non-polymer 'FORMIC ACID' 'C H2 O2'
GOL non-polymer GLYCEROL 'C3 H8 O3'
#
# COMPACT_ATOMS: atom_id res chain seq x y z
N GLY A 40 -5.99 11.42 7.19
CA GLY A 40 -6.32 10.11 6.67
C GLY A 40 -5.83 8.99 7.57
N LEU A 41 -4.81 8.25 7.14
CA LEU A 41 -4.00 7.47 8.10
C LEU A 41 -2.55 7.91 8.00
N ARG A 42 -1.84 7.77 9.11
CA ARG A 42 -0.51 8.33 9.29
C ARG A 42 0.52 7.28 9.71
N GLN A 43 0.04 6.18 10.27
CA GLN A 43 0.94 5.16 10.84
C GLN A 43 0.70 3.79 10.22
N PRO A 44 1.75 2.95 10.21
CA PRO A 44 1.53 1.63 9.59
C PRO A 44 0.44 0.88 10.36
N ALA A 45 -0.22 -0.10 9.72
CA ALA A 45 -1.01 -1.08 10.47
C ALA A 45 -0.14 -1.79 11.51
N PRO A 46 -0.59 -1.84 12.82
CA PRO A 46 0.23 -2.56 13.82
C PRO A 46 0.33 -4.08 13.56
N PHE A 47 1.38 -4.67 14.06
CA PHE A 47 1.46 -6.11 14.24
C PHE A 47 0.52 -6.58 15.38
N SER A 48 0.01 -7.80 15.32
CA SER A 48 -1.00 -8.25 16.28
C SER A 48 -0.63 -8.10 17.76
N ASP A 49 0.68 -8.20 17.98
CA ASP A 49 1.36 -7.96 19.25
C ASP A 49 1.16 -6.60 19.85
N GLU A 50 0.92 -5.57 19.05
CA GLU A 50 0.84 -4.24 19.60
C GLU A 50 -0.59 -3.85 20.01
N ILE A 51 -1.54 -4.76 19.92
CA ILE A 51 -2.94 -4.44 20.18
C ILE A 51 -3.47 -5.24 21.39
N GLU A 52 -4.00 -4.63 22.43
CA GLU A 52 -4.60 -5.52 23.45
C GLU A 52 -6.05 -5.93 23.18
N VAL A 53 -6.28 -7.24 23.11
CA VAL A 53 -7.62 -7.85 22.85
C VAL A 53 -8.22 -8.25 24.18
N ASP A 54 -9.52 -7.97 24.40
CA ASP A 54 -10.17 -8.43 25.64
C ASP A 54 -10.52 -9.95 25.70
N PHE A 55 -9.61 -10.71 26.26
CA PHE A 55 -9.81 -12.12 26.46
C PHE A 55 -10.93 -12.37 27.47
N SER A 56 -11.46 -11.30 28.03
CA SER A 56 -12.63 -11.43 28.93
C SER A 56 -13.83 -11.89 28.07
N LYS A 57 -14.08 -11.14 26.99
CA LYS A 57 -15.10 -11.51 26.00
C LYS A 57 -14.78 -12.86 25.36
N PRO A 58 -15.71 -13.82 25.49
CA PRO A 58 -15.44 -15.15 24.92
C PRO A 58 -15.48 -15.11 23.38
N TYR A 59 -14.86 -16.06 22.73
CA TYR A 59 -14.91 -16.18 21.27
C TYR A 59 -16.32 -16.55 20.80
N VAL A 60 -17.09 -15.55 20.35
CA VAL A 60 -18.47 -15.76 19.84
C VAL A 60 -18.52 -15.17 18.42
N ARG A 61 -18.68 -16.02 17.40
CA ARG A 61 -18.69 -15.51 16.07
C ARG A 61 -20.00 -14.92 15.67
N VAL A 62 -19.95 -13.96 14.74
CA VAL A 62 -21.18 -13.50 14.12
C VAL A 62 -21.47 -14.33 12.88
N THR A 63 -22.76 -14.48 12.60
CA THR A 63 -23.19 -15.14 11.42
C THR A 63 -23.03 -14.16 10.22
N MET A 64 -23.03 -14.72 9.00
CA MET A 64 -23.10 -13.94 7.73
C MET A 64 -24.20 -12.91 7.75
N GLU A 65 -25.39 -13.36 8.18
CA GLU A 65 -26.59 -12.51 8.28
C GLU A 65 -26.39 -11.32 9.23
N GLU A 66 -25.88 -11.56 10.44
CA GLU A 66 -25.66 -10.41 11.38
C GLU A 66 -24.53 -9.52 10.84
N ALA A 67 -23.51 -10.16 10.25
CA ALA A 67 -22.37 -9.40 9.72
C ALA A 67 -22.85 -8.45 8.60
N CYS A 68 -23.73 -8.91 7.73
CA CYS A 68 -24.17 -8.04 6.62
C CYS A 68 -25.08 -6.93 7.02
N ARG A 69 -25.80 -7.07 8.14
CA ARG A 69 -26.71 -6.04 8.66
C ARG A 69 -25.96 -4.89 9.29
N GLY A 70 -24.77 -5.16 9.82
CA GLY A 70 -23.87 -4.13 10.32
C GLY A 70 -23.81 -4.38 11.79
N THR A 71 -22.63 -4.70 12.35
CA THR A 71 -22.48 -4.92 13.77
C THR A 71 -22.29 -3.58 14.53
N PRO A 72 -22.44 -3.58 15.88
CA PRO A 72 -22.20 -2.35 16.62
C PRO A 72 -20.77 -1.88 16.42
N CYS A 73 -20.61 -0.57 16.47
CA CYS A 73 -19.33 0.12 16.47
C CYS A 73 -18.25 -0.58 17.21
N GLU A 74 -18.52 -1.01 18.45
CA GLU A 74 -17.49 -1.65 19.27
C GLU A 74 -17.13 -3.06 18.83
N ARG A 75 -17.95 -3.67 17.96
CA ARG A 75 -17.80 -5.09 17.61
C ARG A 75 -17.73 -5.25 16.08
N PRO A 76 -16.63 -4.75 15.47
CA PRO A 76 -16.47 -4.94 14.01
C PRO A 76 -16.38 -6.41 13.71
N VAL A 77 -16.78 -6.81 12.49
CA VAL A 77 -16.61 -8.18 12.00
C VAL A 77 -15.13 -8.35 11.69
N ARG A 78 -14.52 -9.37 12.26
CA ARG A 78 -13.10 -9.54 12.14
C ARG A 78 -12.74 -10.50 11.03
N VAL A 79 -12.13 -9.98 9.96
CA VAL A 79 -11.96 -10.77 8.81
C VAL A 79 -10.48 -11.00 8.74
N TYR A 80 -10.13 -12.24 8.39
CA TYR A 80 -8.78 -12.62 8.20
C TYR A 80 -8.50 -12.99 6.76
N ALA A 81 -7.47 -12.40 6.17
CA ALA A 81 -7.00 -12.83 4.82
C ALA A 81 -5.56 -13.22 4.94
N ASP A 82 -5.14 -14.38 4.43
CA ASP A 82 -3.75 -14.71 4.56
C ASP A 82 -3.07 -14.79 3.18
N GLY A 83 -1.75 -14.80 3.17
CA GLY A 83 -0.99 -14.78 1.89
C GLY A 83 0.51 -14.81 2.14
N ILE A 84 1.27 -15.00 1.07
CA ILE A 84 2.71 -14.75 1.07
C ILE A 84 2.99 -13.25 0.87
N PHE A 85 2.29 -12.64 -0.08
CA PHE A 85 2.40 -11.20 -0.44
C PHE A 85 3.81 -10.80 -0.94
N ASP A 86 4.38 -11.67 -1.75
CA ASP A 86 5.70 -11.47 -2.32
C ASP A 86 5.58 -10.50 -3.50
N LEU A 87 6.46 -9.50 -3.55
CA LEU A 87 6.39 -8.37 -4.51
C LEU A 87 4.98 -7.77 -4.40
N PHE A 88 4.56 -7.45 -3.16
CA PHE A 88 3.23 -6.90 -2.86
C PHE A 88 2.75 -5.94 -4.00
N HIS A 89 1.70 -6.33 -4.68
CA HIS A 89 1.22 -5.63 -5.91
C HIS A 89 -0.30 -5.35 -5.81
N SER A 90 -0.83 -4.69 -6.80
CA SER A 90 -2.24 -4.30 -6.78
C SER A 90 -3.20 -5.50 -6.74
N GLY A 91 -2.84 -6.66 -7.32
CA GLY A 91 -3.64 -7.88 -7.19
C GLY A 91 -3.87 -8.13 -5.68
N HIS A 92 -2.81 -8.13 -4.88
CA HIS A 92 -2.88 -8.28 -3.41
C HIS A 92 -3.75 -7.24 -2.73
N ALA A 93 -3.52 -5.98 -3.11
CA ALA A 93 -4.21 -4.88 -2.44
C ALA A 93 -5.70 -4.89 -2.74
N ARG A 94 -6.08 -5.20 -4.00
CA ARG A 94 -7.49 -5.38 -4.37
C ARG A 94 -8.15 -6.55 -3.58
N ALA A 95 -7.46 -7.65 -3.39
CA ALA A 95 -7.95 -8.70 -2.55
C ALA A 95 -8.16 -8.23 -1.17
N LEU A 96 -7.19 -7.50 -0.65
CA LEU A 96 -7.37 -6.94 0.73
C LEU A 96 -8.47 -5.91 0.76
N MET A 97 -8.51 -5.06 -0.27
CA MET A 97 -9.70 -4.16 -0.40
C MET A 97 -11.12 -4.88 -0.31
N GLN A 98 -11.30 -5.95 -1.09
CA GLN A 98 -12.57 -6.77 -1.09
C GLN A 98 -12.86 -7.37 0.23
N ALA A 99 -11.85 -7.91 0.89
CA ALA A 99 -12.04 -8.49 2.22
C ALA A 99 -12.46 -7.43 3.27
N LYS A 100 -11.84 -6.25 3.24
CA LYS A 100 -12.24 -5.09 4.09
C LYS A 100 -13.68 -4.59 3.87
N ASN A 101 -14.17 -4.73 2.65
CA ASN A 101 -15.52 -4.32 2.31
C ASN A 101 -16.59 -5.43 2.40
N LEU A 102 -16.23 -6.62 2.87
CA LEU A 102 -17.16 -7.66 2.89
C LEU A 102 -18.39 -7.23 3.64
N PHE A 103 -18.22 -6.52 4.76
CA PHE A 103 -19.31 -6.13 5.65
C PHE A 103 -19.17 -4.65 6.00
N PRO A 104 -20.25 -4.04 6.54
CA PRO A 104 -20.19 -2.59 6.67
C PRO A 104 -19.27 -2.13 7.79
N ASN A 105 -19.14 -2.91 8.84
CA ASN A 105 -18.21 -2.58 9.90
C ASN A 105 -17.23 -3.81 9.99
N THR A 106 -16.09 -3.71 9.32
CA THR A 106 -15.12 -4.77 9.18
C THR A 106 -13.73 -4.30 9.72
N TYR A 107 -13.04 -5.23 10.39
CA TYR A 107 -11.70 -5.01 10.88
C TYR A 107 -10.87 -6.08 10.23
N LEU A 108 -9.88 -5.70 9.42
CA LEU A 108 -9.18 -6.66 8.55
C LEU A 108 -7.84 -7.03 9.17
N ILE A 109 -7.58 -8.32 9.34
CA ILE A 109 -6.33 -8.83 9.93
C ILE A 109 -5.69 -9.56 8.78
N VAL A 110 -4.42 -9.28 8.50
CA VAL A 110 -3.74 -9.96 7.38
C VAL A 110 -2.60 -10.84 7.94
N GLY A 111 -2.67 -12.16 7.71
CA GLY A 111 -1.59 -13.04 8.14
C GLY A 111 -0.63 -13.21 6.97
N VAL A 112 0.69 -13.18 7.28
CA VAL A 112 1.70 -13.26 6.27
C VAL A 112 2.60 -14.39 6.72
N CYS A 113 2.89 -15.32 5.79
CA CYS A 113 3.63 -16.56 6.14
C CYS A 113 5.13 -16.29 6.13
N SER A 114 5.80 -16.92 7.05
CA SER A 114 7.27 -16.78 7.18
C SER A 114 7.99 -17.35 6.00
N ASP A 115 9.25 -16.93 5.76
CA ASP A 115 10.05 -17.64 4.69
C ASP A 115 10.17 -19.16 4.94
N GLU A 116 10.40 -19.59 6.17
CA GLU A 116 10.61 -21.02 6.38
C GLU A 116 9.39 -21.84 5.86
N LEU A 117 8.18 -21.50 6.35
CA LEU A 117 6.95 -22.15 5.83
C LEU A 117 6.77 -22.03 4.33
N THR A 118 6.95 -20.82 3.78
CA THR A 118 6.71 -20.65 2.35
C THR A 118 7.68 -21.53 1.53
N HIS A 119 8.95 -21.54 1.93
CA HIS A 119 9.98 -22.36 1.22
C HIS A 119 9.64 -23.82 1.29
N ASN A 120 9.23 -24.27 2.46
CA ASN A 120 8.89 -25.64 2.68
C ASN A 120 7.70 -26.12 1.85
N PHE A 121 6.64 -25.29 1.75
CA PHE A 121 5.37 -25.73 1.15
C PHE A 121 5.02 -25.18 -0.22
N LYS A 122 5.67 -24.10 -0.68
CA LYS A 122 5.24 -23.45 -1.94
C LYS A 122 6.42 -23.18 -2.86
N GLY A 123 7.51 -22.65 -2.33
CA GLY A 123 8.64 -22.28 -3.18
C GLY A 123 9.32 -20.99 -2.74
N PHE A 124 10.10 -20.41 -3.66
CA PHE A 124 11.01 -19.30 -3.40
C PHE A 124 10.30 -17.97 -3.11
N THR A 125 10.85 -17.14 -2.22
CA THR A 125 10.39 -15.75 -2.08
C THR A 125 11.43 -14.76 -2.55
N VAL A 126 11.07 -13.81 -3.41
CA VAL A 126 11.97 -12.68 -3.73
C VAL A 126 12.21 -11.77 -2.52
N MET A 127 11.12 -11.36 -1.87
CA MET A 127 11.20 -10.50 -0.70
C MET A 127 11.24 -11.37 0.56
N ASN A 128 12.12 -11.06 1.53
CA ASN A 128 12.18 -11.92 2.74
C ASN A 128 11.00 -11.56 3.67
N GLU A 129 10.77 -12.33 4.73
CA GLU A 129 9.58 -12.22 5.56
C GLU A 129 9.45 -10.85 6.14
N ASN A 130 10.55 -10.26 6.58
CA ASN A 130 10.47 -8.95 7.16
C ASN A 130 10.07 -7.91 6.16
N GLU A 131 10.58 -8.02 4.94
CA GLU A 131 10.15 -7.09 3.90
C GLU A 131 8.66 -7.31 3.54
N ARG A 132 8.19 -8.54 3.59
CA ARG A 132 6.79 -8.74 3.23
C ARG A 132 5.86 -8.31 4.38
N TYR A 133 6.25 -8.50 5.62
CA TYR A 133 5.47 -7.96 6.73
C TYR A 133 5.33 -6.46 6.58
N ASP A 134 6.44 -5.83 6.28
CA ASP A 134 6.49 -4.37 6.22
C ASP A 134 5.58 -3.82 5.14
N ALA A 135 5.57 -4.46 3.95
CA ALA A 135 4.80 -3.98 2.78
C ALA A 135 3.35 -4.01 3.09
N VAL A 136 2.90 -5.09 3.69
CA VAL A 136 1.49 -5.24 4.07
C VAL A 136 1.05 -4.21 5.09
N GLN A 137 1.98 -3.74 5.94
CA GLN A 137 1.65 -2.74 6.93
C GLN A 137 1.32 -1.44 6.34
N HIS A 138 1.83 -1.18 5.13
CA HIS A 138 1.58 0.11 4.44
C HIS A 138 0.43 0.08 3.46
N CYS A 139 -0.27 -1.03 3.40
CA CYS A 139 -1.51 -1.14 2.64
C CYS A 139 -2.63 -0.39 3.36
N ARG A 140 -3.37 0.42 2.57
CA ARG A 140 -4.57 1.17 2.97
C ARG A 140 -5.70 0.45 3.75
N TYR A 141 -5.96 -0.79 3.38
CA TYR A 141 -7.15 -1.56 3.82
C TYR A 141 -6.90 -2.33 5.11
N VAL A 142 -5.64 -2.39 5.57
CA VAL A 142 -5.28 -3.26 6.69
C VAL A 142 -5.40 -2.59 8.03
N ASP A 143 -5.96 -3.37 8.96
CA ASP A 143 -6.06 -2.94 10.34
C ASP A 143 -5.03 -3.57 11.25
N GLU A 144 -4.56 -4.77 10.94
CA GLU A 144 -3.60 -5.47 11.76
C GLU A 144 -2.91 -6.57 10.95
N VAL A 145 -1.68 -6.91 11.32
CA VAL A 145 -0.83 -7.84 10.57
C VAL A 145 -0.37 -8.91 11.63
N VAL A 146 -0.63 -10.16 11.33
CA VAL A 146 -0.08 -11.29 12.06
C VAL A 146 1.11 -11.83 11.26
N ARG A 147 2.27 -11.89 11.90
CA ARG A 147 3.48 -12.40 11.29
C ARG A 147 3.56 -13.88 11.50
N ASN A 148 4.40 -14.54 10.72
CA ASN A 148 4.46 -15.93 10.94
C ASN A 148 3.10 -16.68 10.89
N ALA A 149 2.24 -16.31 9.95
CA ALA A 149 0.96 -16.90 9.82
C ALA A 149 1.00 -18.40 9.49
N PRO A 150 0.00 -19.16 9.92
CA PRO A 150 0.08 -20.60 9.71
C PRO A 150 -0.33 -20.99 8.27
N TRP A 151 0.08 -22.18 7.83
CA TRP A 151 -0.27 -22.70 6.50
C TRP A 151 -1.74 -23.17 6.44
N THR A 152 -2.15 -23.97 7.41
CA THR A 152 -3.53 -24.38 7.60
C THR A 152 -4.00 -23.72 8.88
N LEU A 153 -5.18 -23.17 8.82
CA LEU A 153 -5.71 -22.53 10.01
C LEU A 153 -6.20 -23.52 11.07
N THR A 154 -6.00 -23.21 12.36
CA THR A 154 -6.25 -24.21 13.39
C THR A 154 -7.30 -23.56 14.26
N PRO A 155 -8.04 -24.37 15.04
CA PRO A 155 -9.04 -23.81 15.93
C PRO A 155 -8.45 -22.87 16.95
N GLU A 156 -7.28 -23.20 17.47
CA GLU A 156 -6.52 -22.34 18.36
C GLU A 156 -6.26 -20.95 17.75
N PHE A 157 -5.79 -20.91 16.52
CA PHE A 157 -5.41 -19.63 15.86
C PHE A 157 -6.67 -18.78 15.63
N LEU A 158 -7.77 -19.42 15.27
CA LEU A 158 -8.99 -18.68 14.90
C LEU A 158 -9.60 -18.11 16.13
N ALA A 159 -9.49 -18.86 17.23
CA ALA A 159 -9.99 -18.42 18.51
C ALA A 159 -9.05 -17.33 19.12
N GLU A 160 -7.74 -17.54 19.05
CA GLU A 160 -6.85 -16.53 19.59
C GLU A 160 -6.97 -15.15 18.92
N HIS A 161 -7.20 -15.12 17.62
CA HIS A 161 -7.41 -13.85 16.87
C HIS A 161 -8.88 -13.45 16.72
N ARG A 162 -9.76 -14.23 17.37
CA ARG A 162 -11.17 -13.95 17.42
C ARG A 162 -11.72 -13.73 16.02
N ILE A 163 -11.44 -14.65 15.09
CA ILE A 163 -11.73 -14.44 13.70
C ILE A 163 -13.16 -14.83 13.35
N ASP A 164 -13.89 -13.90 12.74
CA ASP A 164 -15.22 -14.22 12.27
C ASP A 164 -15.18 -14.89 10.90
N PHE A 165 -14.39 -14.37 9.93
CA PHE A 165 -14.44 -14.93 8.57
C PHE A 165 -13.05 -14.96 8.01
N VAL A 166 -12.82 -15.86 7.06
CA VAL A 166 -11.54 -15.99 6.34
C VAL A 166 -11.81 -15.60 4.86
N ALA A 167 -10.98 -14.69 4.33
CA ALA A 167 -11.09 -14.26 2.92
C ALA A 167 -9.87 -14.65 2.07
N HIS A 168 -10.14 -15.26 0.89
CA HIS A 168 -9.19 -15.67 -0.02
C HIS A 168 -9.98 -15.99 -1.30
N ASP A 169 -9.28 -16.08 -2.47
CA ASP A 169 -9.95 -16.59 -3.65
C ASP A 169 -10.45 -18.03 -3.39
N ASP A 170 -11.41 -18.41 -4.20
CA ASP A 170 -12.14 -19.67 -4.02
C ASP A 170 -11.49 -20.87 -4.70
N ILE A 171 -10.35 -20.68 -5.29
CA ILE A 171 -9.72 -21.83 -5.98
C ILE A 171 -9.13 -22.72 -4.85
N PRO A 172 -9.47 -24.02 -4.83
CA PRO A 172 -8.92 -24.87 -3.77
C PRO A 172 -7.41 -24.75 -3.64
N TYR A 173 -6.91 -24.49 -2.46
CA TYR A 173 -5.48 -24.38 -2.34
C TYR A 173 -4.93 -25.73 -1.90
N SER A 174 -4.31 -26.46 -2.79
CA SER A 174 -3.80 -27.69 -2.34
C SER A 174 -2.36 -27.46 -2.15
N SER A 175 -1.97 -27.64 -0.93
CA SER A 175 -0.64 -27.89 -0.54
C SER A 175 -0.82 -29.11 0.28
N ALA A 176 -0.05 -30.10 -0.01
CA ALA A 176 -0.57 -31.39 -0.17
C ALA A 176 0.12 -32.55 0.51
N GLY A 177 -0.71 -33.54 0.69
CA GLY A 177 -1.39 -34.07 1.82
C GLY A 177 -2.64 -33.32 2.10
N SER A 178 -2.92 -32.27 1.35
CA SER A 178 -4.28 -31.77 1.30
C SER A 178 -4.73 -31.19 -0.04
N ASP A 179 -5.91 -31.55 -0.44
CA ASP A 179 -6.55 -30.94 -1.55
C ASP A 179 -6.91 -29.47 -1.49
N ASP A 180 -7.46 -29.04 -0.37
CA ASP A 180 -7.76 -27.68 -0.07
C ASP A 180 -7.49 -27.35 1.41
N VAL A 181 -6.57 -26.46 1.67
CA VAL A 181 -6.21 -26.12 3.01
C VAL A 181 -7.31 -25.33 3.64
N TYR A 182 -8.16 -24.75 2.83
CA TYR A 182 -9.35 -24.04 3.31
C TYR A 182 -10.59 -24.92 3.54
N LYS A 183 -10.52 -26.23 3.26
CA LYS A 183 -11.76 -27.06 3.27
C LYS A 183 -12.53 -26.98 4.57
N HIS A 184 -11.85 -27.05 5.70
CA HIS A 184 -12.52 -26.99 7.01
C HIS A 184 -13.15 -25.65 7.27
N ILE A 185 -12.49 -24.57 6.83
CA ILE A 185 -13.05 -23.21 7.00
C ILE A 185 -14.34 -23.10 6.12
N LYS A 186 -14.33 -23.64 4.91
CA LYS A 186 -15.53 -23.55 4.01
C LYS A 186 -16.68 -24.32 4.58
N GLU A 187 -16.41 -25.57 4.94
CA GLU A 187 -17.34 -26.41 5.71
C GLU A 187 -17.91 -25.77 6.98
N ALA A 188 -17.10 -25.06 7.79
CA ALA A 188 -17.73 -24.46 9.00
C ALA A 188 -18.57 -23.22 8.69
N GLY A 189 -18.63 -22.79 7.39
CA GLY A 189 -19.43 -21.58 7.05
C GLY A 189 -18.63 -20.27 7.26
N MET A 190 -17.32 -20.32 7.39
CA MET A 190 -16.57 -19.11 7.77
C MET A 190 -15.80 -18.53 6.55
N PHE A 191 -15.95 -19.14 5.39
CA PHE A 191 -15.19 -18.71 4.21
C PHE A 191 -15.86 -17.67 3.33
N ALA A 192 -15.20 -16.52 3.15
CA ALA A 192 -15.78 -15.44 2.29
C ALA A 192 -14.87 -15.27 1.07
N PRO A 193 -15.21 -15.84 -0.08
CA PRO A 193 -14.33 -15.76 -1.28
C PRO A 193 -14.11 -14.39 -1.87
N THR A 194 -12.91 -14.09 -2.28
CA THR A 194 -12.68 -12.79 -2.97
C THR A 194 -12.32 -13.22 -4.43
N GLN A 195 -12.20 -12.18 -5.30
CA GLN A 195 -11.90 -12.37 -6.72
C GLN A 195 -10.45 -11.92 -6.95
N ARG A 196 -9.73 -12.71 -7.70
CA ARG A 196 -8.43 -12.39 -8.08
C ARG A 196 -8.52 -11.33 -9.16
N THR A 197 -7.47 -10.47 -9.14
CA THR A 197 -7.27 -9.42 -10.18
C THR A 197 -6.55 -10.06 -11.32
N GLU A 198 -7.20 -10.10 -12.46
CA GLU A 198 -6.66 -10.63 -13.66
C GLU A 198 -5.46 -9.77 -14.18
N GLY A 199 -4.55 -10.40 -14.87
CA GLY A 199 -3.49 -9.58 -15.48
C GLY A 199 -2.36 -9.05 -14.59
N ILE A 200 -2.31 -9.46 -13.34
CA ILE A 200 -1.15 -9.17 -12.52
C ILE A 200 -0.86 -10.33 -11.60
N SER A 201 0.42 -10.61 -11.32
CA SER A 201 0.75 -11.58 -10.29
C SER A 201 2.26 -11.48 -10.07
N THR A 202 2.74 -12.08 -8.97
CA THR A 202 4.15 -12.15 -8.63
C THR A 202 4.87 -12.77 -9.82
N SER A 203 4.36 -13.91 -10.29
CA SER A 203 4.97 -14.63 -11.46
C SER A 203 5.00 -13.79 -12.70
N ASP A 204 3.87 -13.14 -13.06
CA ASP A 204 3.90 -12.17 -14.19
C ASP A 204 4.95 -11.04 -14.05
N ILE A 205 5.10 -10.51 -12.85
CA ILE A 205 6.03 -9.42 -12.69
C ILE A 205 7.46 -9.93 -12.89
N ILE A 206 7.79 -11.07 -12.29
CA ILE A 206 9.11 -11.68 -12.43
C ILE A 206 9.40 -11.99 -13.92
N THR A 207 8.39 -12.55 -14.57
CA THR A 207 8.49 -12.82 -15.98
C THR A 207 8.73 -11.58 -16.84
N ARG A 208 8.09 -10.43 -16.58
CA ARG A 208 8.45 -9.19 -17.37
C ARG A 208 9.86 -8.72 -17.08
N ILE A 209 10.27 -8.83 -15.83
CA ILE A 209 11.58 -8.36 -15.48
C ILE A 209 12.65 -9.23 -16.16
N VAL A 210 12.49 -10.56 -16.17
CA VAL A 210 13.48 -11.39 -16.89
C VAL A 210 13.42 -11.21 -18.41
N ARG A 211 12.22 -11.13 -18.99
CA ARG A 211 12.11 -10.74 -20.41
C ARG A 211 12.84 -9.44 -20.67
N ASP A 212 12.70 -8.44 -19.78
CA ASP A 212 13.25 -7.09 -20.01
C ASP A 212 14.74 -7.11 -19.97
N TYR A 213 15.26 -7.81 -18.97
CA TYR A 213 16.67 -8.13 -18.89
C TYR A 213 17.27 -8.90 -20.11
N ASP A 214 16.57 -9.91 -20.65
CA ASP A 214 17.06 -10.69 -21.83
C ASP A 214 17.17 -9.84 -23.10
N VAL A 215 16.11 -9.04 -23.36
CA VAL A 215 16.05 -8.04 -24.42
C VAL A 215 16.40 -6.66 -23.83
N GLY B 40 -10.70 1.55 9.46
CA GLY B 40 -9.44 2.23 8.88
C GLY B 40 -9.95 2.94 7.62
N LEU B 41 -9.52 2.46 6.46
CA LEU B 41 -10.03 2.98 5.20
C LEU B 41 -10.50 1.79 4.32
N ARG B 42 -11.39 2.09 3.40
CA ARG B 42 -12.13 1.10 2.65
C ARG B 42 -11.97 1.28 1.16
N GLN B 43 -11.63 2.48 0.74
CA GLN B 43 -11.63 2.77 -0.73
C GLN B 43 -10.28 3.27 -1.15
N PRO B 44 -9.95 3.08 -2.44
CA PRO B 44 -8.65 3.63 -2.86
C PRO B 44 -8.58 5.14 -2.66
N ALA B 45 -7.36 5.68 -2.55
CA ALA B 45 -7.24 7.16 -2.63
C ALA B 45 -7.75 7.68 -3.97
N PRO B 46 -8.60 8.73 -4.02
CA PRO B 46 -9.11 9.11 -5.33
C PRO B 46 -8.06 9.78 -6.27
N PHE B 47 -8.27 9.70 -7.56
CA PHE B 47 -7.54 10.58 -8.46
C PHE B 47 -7.97 12.04 -8.28
N SER B 48 -7.04 12.93 -8.52
CA SER B 48 -7.30 14.35 -8.32
C SER B 48 -8.55 14.86 -9.05
N ASP B 49 -8.86 14.30 -10.24
CA ASP B 49 -10.04 14.78 -11.02
C ASP B 49 -11.33 14.36 -10.30
N GLU B 50 -11.33 13.35 -9.44
CA GLU B 50 -12.59 12.93 -8.77
C GLU B 50 -12.98 13.88 -7.60
N ILE B 51 -12.19 14.89 -7.31
CA ILE B 51 -12.43 15.66 -6.09
C ILE B 51 -12.86 17.06 -6.44
N GLU B 52 -14.04 17.46 -5.93
CA GLU B 52 -14.53 18.87 -6.05
C GLU B 52 -13.62 19.81 -5.25
N VAL B 53 -13.07 20.81 -5.95
CA VAL B 53 -12.07 21.73 -5.43
C VAL B 53 -12.62 23.18 -5.51
N ASP B 54 -12.88 23.79 -4.36
CA ASP B 54 -13.22 25.23 -4.32
C ASP B 54 -12.04 26.18 -4.68
N PHE B 55 -12.17 26.84 -5.84
CA PHE B 55 -11.33 27.98 -6.33
C PHE B 55 -11.86 29.38 -5.93
N SER B 56 -13.01 29.45 -5.26
CA SER B 56 -13.49 30.75 -4.71
C SER B 56 -12.64 30.88 -3.46
N LYS B 57 -11.57 30.06 -3.42
CA LYS B 57 -10.53 30.09 -2.38
C LYS B 57 -9.19 30.37 -3.07
N PRO B 58 -8.59 31.55 -2.79
CA PRO B 58 -7.31 31.97 -3.36
C PRO B 58 -6.17 31.00 -2.99
N TYR B 59 -5.18 30.84 -3.88
CA TYR B 59 -3.98 30.09 -3.53
C TYR B 59 -3.16 30.86 -2.47
N VAL B 60 -3.32 30.51 -1.19
CA VAL B 60 -2.56 31.14 -0.12
C VAL B 60 -1.82 30.00 0.65
N ARG B 61 -0.51 30.00 0.52
CA ARG B 61 0.30 29.01 1.18
C ARG B 61 0.48 29.28 2.66
N VAL B 62 0.65 28.22 3.43
CA VAL B 62 0.93 28.38 4.87
C VAL B 62 2.43 28.36 5.03
N THR B 63 2.99 28.98 6.04
CA THR B 63 4.39 28.92 6.25
C THR B 63 4.65 27.67 7.10
N MET B 64 5.94 27.25 7.10
CA MET B 64 6.47 26.13 7.93
C MET B 64 6.01 26.28 9.37
N GLU B 65 6.11 27.50 9.84
CA GLU B 65 5.82 27.82 11.22
C GLU B 65 4.31 27.60 11.56
N GLU B 66 3.41 28.10 10.70
CA GLU B 66 1.96 27.86 10.90
C GLU B 66 1.69 26.37 10.65
N ALA B 67 2.37 25.77 9.66
CA ALA B 67 2.18 24.34 9.33
C ALA B 67 2.51 23.46 10.58
N CYS B 68 3.65 23.72 11.23
CA CYS B 68 4.06 22.91 12.37
C CYS B 68 3.22 23.06 13.62
N ARG B 69 2.60 24.21 13.81
CA ARG B 69 1.67 24.46 14.91
C ARG B 69 0.35 23.71 14.79
N GLY B 70 -0.06 23.40 13.56
CA GLY B 70 -1.34 22.69 13.31
C GLY B 70 -2.30 23.67 12.69
N THR B 71 -2.78 23.41 11.48
CA THR B 71 -3.78 24.22 10.86
C THR B 71 -5.20 23.73 11.26
N PRO B 72 -6.21 24.62 11.12
CA PRO B 72 -7.59 24.20 11.39
C PRO B 72 -7.90 22.94 10.62
N CYS B 73 -8.77 22.11 11.20
CA CYS B 73 -9.30 20.90 10.56
C CYS B 73 -9.66 21.07 9.12
N GLU B 74 -10.32 22.15 8.78
CA GLU B 74 -10.69 22.36 7.40
C GLU B 74 -9.62 22.85 6.42
N ARG B 75 -8.43 23.13 6.92
CA ARG B 75 -7.33 23.62 6.08
C ARG B 75 -6.07 22.81 6.39
N PRO B 76 -6.11 21.51 6.05
CA PRO B 76 -4.92 20.65 6.22
C PRO B 76 -3.82 21.22 5.32
N VAL B 77 -2.57 21.02 5.74
CA VAL B 77 -1.39 21.37 4.94
C VAL B 77 -1.25 20.40 3.77
N ARG B 78 -1.20 20.92 2.56
CA ARG B 78 -1.28 20.09 1.39
C ARG B 78 0.11 19.85 0.89
N VAL B 79 0.54 18.61 1.02
CA VAL B 79 1.86 18.26 0.75
C VAL B 79 1.84 17.46 -0.50
N TYR B 80 2.80 17.76 -1.39
CA TYR B 80 2.96 17.05 -2.55
C TYR B 80 4.26 16.27 -2.61
N ALA B 81 4.14 14.97 -2.94
CA ALA B 81 5.32 14.08 -3.19
C ALA B 81 5.25 13.49 -4.57
N ASP B 82 6.29 13.62 -5.39
CA ASP B 82 6.18 13.02 -6.73
C ASP B 82 7.16 11.87 -6.91
N GLY B 83 7.00 11.09 -7.99
CA GLY B 83 7.84 9.85 -8.17
C GLY B 83 7.37 9.07 -9.38
N ILE B 84 8.15 8.07 -9.76
CA ILE B 84 7.77 7.07 -10.72
C ILE B 84 6.98 5.94 -10.02
N PHE B 85 7.51 5.49 -8.87
CA PHE B 85 6.88 4.43 -8.08
C PHE B 85 6.81 3.08 -8.82
N ASP B 86 7.85 2.79 -9.58
CA ASP B 86 7.91 1.56 -10.32
C ASP B 86 8.23 0.41 -9.35
N LEU B 87 7.50 -0.71 -9.45
CA LEU B 87 7.60 -1.82 -8.45
C LEU B 87 7.42 -1.26 -7.03
N PHE B 88 6.39 -0.46 -6.86
CA PHE B 88 6.11 0.25 -5.64
C PHE B 88 6.42 -0.63 -4.41
N HIS B 89 7.35 -0.17 -3.59
CA HIS B 89 7.90 -1.01 -2.50
C HIS B 89 7.93 -0.15 -1.21
N SER B 90 8.38 -0.75 -0.11
CA SER B 90 8.34 -0.08 1.19
C SER B 90 9.17 1.16 1.27
N GLY B 91 10.28 1.27 0.55
CA GLY B 91 11.02 2.54 0.50
C GLY B 91 10.09 3.65 0.01
N HIS B 92 9.32 3.40 -1.03
CA HIS B 92 8.35 4.38 -1.53
C HIS B 92 7.34 4.63 -0.47
N ALA B 93 6.79 3.57 0.16
CA ALA B 93 5.73 3.79 1.10
C ALA B 93 6.23 4.55 2.33
N ARG B 94 7.46 4.29 2.76
CA ARG B 94 8.02 5.02 3.90
C ARG B 94 8.31 6.49 3.55
N ALA B 95 8.62 6.79 2.29
CA ALA B 95 8.73 8.19 1.87
C ALA B 95 7.39 8.90 1.95
N LEU B 96 6.34 8.20 1.53
CA LEU B 96 4.96 8.79 1.64
C LEU B 96 4.53 8.92 3.07
N MET B 97 4.84 7.90 3.83
CA MET B 97 4.53 8.00 5.26
C MET B 97 5.17 9.26 5.90
N GLN B 98 6.47 9.49 5.65
CA GLN B 98 7.18 10.72 6.18
C GLN B 98 6.51 12.00 5.75
N ALA B 99 6.22 12.11 4.43
CA ALA B 99 5.54 13.29 3.84
C ALA B 99 4.18 13.55 4.54
N LYS B 100 3.42 12.46 4.78
CA LYS B 100 2.13 12.53 5.47
C LYS B 100 2.31 12.97 6.93
N ASN B 101 3.48 12.68 7.53
CA ASN B 101 3.73 13.05 8.92
C ASN B 101 4.46 14.38 9.19
N LEU B 102 4.75 15.13 8.12
CA LEU B 102 5.52 16.33 8.23
C LEU B 102 4.86 17.33 9.21
N PHE B 103 3.53 17.42 9.20
CA PHE B 103 2.76 18.36 9.98
C PHE B 103 1.60 17.66 10.56
N PRO B 104 1.05 18.22 11.64
CA PRO B 104 0.01 17.55 12.36
C PRO B 104 -1.30 17.34 11.60
N ASN B 105 -1.64 18.19 10.66
CA ASN B 105 -2.87 18.06 9.89
C ASN B 105 -2.39 18.21 8.46
N THR B 106 -2.14 17.07 7.83
CA THR B 106 -1.53 17.01 6.49
C THR B 106 -2.42 16.23 5.54
N TYR B 107 -2.48 16.69 4.28
CA TYR B 107 -3.26 16.05 3.22
C TYR B 107 -2.25 15.75 2.16
N LEU B 108 -2.04 14.47 1.84
CA LEU B 108 -0.94 14.12 0.96
C LEU B 108 -1.43 13.82 -0.45
N ILE B 109 -0.87 14.53 -1.42
CA ILE B 109 -1.18 14.39 -2.78
C ILE B 109 0.04 13.76 -3.43
N VAL B 110 -0.14 12.66 -4.16
CA VAL B 110 1.05 11.99 -4.75
C VAL B 110 0.99 12.09 -6.25
N GLY B 111 2.04 12.64 -6.88
CA GLY B 111 2.05 12.77 -8.37
C GLY B 111 2.88 11.63 -8.93
N VAL B 112 2.38 10.99 -10.00
CA VAL B 112 3.05 9.85 -10.53
C VAL B 112 3.28 10.14 -12.00
N CYS B 113 4.53 9.99 -12.46
CA CYS B 113 4.84 10.46 -13.82
C CYS B 113 4.40 9.38 -14.86
N SER B 114 4.05 9.84 -16.06
CA SER B 114 3.50 8.96 -17.12
C SER B 114 4.64 8.16 -17.65
N ASP B 115 4.35 7.07 -18.39
CA ASP B 115 5.44 6.34 -19.08
C ASP B 115 6.26 7.19 -20.06
N GLU B 116 5.60 7.99 -20.88
CA GLU B 116 6.31 8.79 -21.87
C GLU B 116 7.42 9.70 -21.25
N LEU B 117 7.03 10.53 -20.27
CA LEU B 117 8.01 11.36 -19.54
C LEU B 117 9.12 10.52 -18.92
N THR B 118 8.76 9.44 -18.21
CA THR B 118 9.76 8.64 -17.53
C THR B 118 10.76 8.06 -18.56
N HIS B 119 10.23 7.52 -19.66
CA HIS B 119 11.09 6.91 -20.72
C HIS B 119 11.97 7.97 -21.32
N ASN B 120 11.41 9.14 -21.55
CA ASN B 120 12.19 10.25 -22.08
C ASN B 120 13.30 10.79 -21.18
N PHE B 121 13.05 10.88 -19.87
CA PHE B 121 14.01 11.55 -18.98
C PHE B 121 14.77 10.65 -17.99
N LYS B 122 14.26 9.46 -17.66
CA LYS B 122 14.90 8.62 -16.62
C LYS B 122 15.32 7.25 -17.17
N GLY B 123 14.38 6.54 -17.78
CA GLY B 123 14.68 5.17 -18.20
C GLY B 123 13.44 4.30 -18.27
N PHE B 124 13.65 2.99 -18.21
CA PHE B 124 12.59 2.03 -18.47
C PHE B 124 11.68 1.86 -17.25
N THR B 125 10.40 1.55 -17.45
CA THR B 125 9.53 1.12 -16.35
C THR B 125 9.09 -0.32 -16.49
N VAL B 126 9.09 -1.09 -15.40
CA VAL B 126 8.55 -2.44 -15.43
C VAL B 126 7.04 -2.42 -15.42
N MET B 127 6.47 -1.62 -14.52
CA MET B 127 5.03 -1.44 -14.45
C MET B 127 4.62 -0.29 -15.37
N ASN B 128 3.52 -0.44 -16.10
CA ASN B 128 3.08 0.68 -16.94
C ASN B 128 2.39 1.70 -16.06
N GLU B 129 1.99 2.83 -16.63
CA GLU B 129 1.59 3.98 -15.85
C GLU B 129 0.28 3.75 -15.12
N ASN B 130 -0.64 3.03 -15.73
CA ASN B 130 -1.85 2.63 -15.07
C ASN B 130 -1.67 1.72 -13.89
N GLU B 131 -0.74 0.79 -13.97
CA GLU B 131 -0.42 -0.10 -12.85
C GLU B 131 0.26 0.70 -11.75
N ARG B 132 1.11 1.67 -12.12
CA ARG B 132 1.78 2.52 -11.11
C ARG B 132 0.79 3.45 -10.43
N TYR B 133 -0.09 4.06 -11.19
CA TYR B 133 -1.16 4.86 -10.61
C TYR B 133 -1.96 4.04 -9.60
N ASP B 134 -2.31 2.84 -10.00
CA ASP B 134 -3.20 2.04 -9.18
C ASP B 134 -2.57 1.67 -7.86
N ALA B 135 -1.27 1.34 -7.88
CA ALA B 135 -0.55 0.85 -6.68
C ALA B 135 -0.50 1.95 -5.62
N VAL B 136 -0.17 3.16 -6.05
CA VAL B 136 -0.12 4.31 -5.15
C VAL B 136 -1.47 4.62 -4.49
N GLN B 137 -2.55 4.39 -5.22
CA GLN B 137 -3.93 4.50 -4.71
C GLN B 137 -4.23 3.62 -3.50
N HIS B 138 -3.53 2.50 -3.38
CA HIS B 138 -3.73 1.53 -2.28
C HIS B 138 -2.78 1.70 -1.14
N CYS B 139 -1.88 2.66 -1.26
CA CYS B 139 -0.98 3.01 -0.16
C CYS B 139 -1.79 3.70 0.97
N ARG B 140 -1.45 3.35 2.18
CA ARG B 140 -2.07 3.80 3.39
C ARG B 140 -2.05 5.31 3.63
N TYR B 141 -0.97 5.97 3.29
CA TYR B 141 -0.72 7.39 3.66
C TYR B 141 -1.27 8.42 2.67
N VAL B 142 -1.81 7.97 1.54
CA VAL B 142 -2.16 8.86 0.43
C VAL B 142 -3.58 9.31 0.50
N ASP B 143 -3.75 10.62 0.28
CA ASP B 143 -5.07 11.19 0.24
C ASP B 143 -5.57 11.43 -1.17
N GLU B 144 -4.66 11.65 -2.13
CA GLU B 144 -5.08 11.98 -3.49
C GLU B 144 -3.85 11.64 -4.45
N VAL B 145 -4.13 11.37 -5.69
CA VAL B 145 -3.13 10.95 -6.67
C VAL B 145 -3.40 11.78 -7.93
N VAL B 146 -2.35 12.45 -8.39
CA VAL B 146 -2.39 13.18 -9.65
C VAL B 146 -1.63 12.30 -10.70
N ARG B 147 -2.29 12.00 -11.81
CA ARG B 147 -1.70 11.19 -12.85
C ARG B 147 -0.93 12.07 -13.84
N ASN B 148 -0.07 11.48 -14.67
CA ASN B 148 0.73 12.28 -15.58
C ASN B 148 1.38 13.47 -14.89
N ALA B 149 1.95 13.28 -13.67
CA ALA B 149 2.66 14.34 -12.95
C ALA B 149 3.79 14.95 -13.79
N PRO B 150 4.05 16.25 -13.65
CA PRO B 150 5.08 16.88 -14.50
C PRO B 150 6.49 16.53 -14.01
N TRP B 151 7.51 16.73 -14.87
CA TRP B 151 8.91 16.43 -14.50
C TRP B 151 9.46 17.54 -13.58
N THR B 152 9.26 18.79 -13.98
CA THR B 152 9.63 19.93 -13.17
C THR B 152 8.35 20.58 -12.78
N LEU B 153 8.23 20.96 -11.52
CA LEU B 153 7.02 21.61 -11.10
C LEU B 153 6.92 23.08 -11.58
N THR B 154 5.72 23.52 -11.97
CA THR B 154 5.58 24.83 -12.59
C THR B 154 4.73 25.64 -11.63
N PRO B 155 4.74 26.98 -11.76
CA PRO B 155 3.88 27.71 -10.83
C PRO B 155 2.43 27.39 -10.99
N GLU B 156 2.00 27.13 -12.23
CA GLU B 156 0.60 26.85 -12.51
C GLU B 156 0.17 25.49 -11.87
N PHE B 157 1.04 24.49 -11.96
CA PHE B 157 0.69 23.17 -11.34
C PHE B 157 0.52 23.32 -9.83
N LEU B 158 1.47 24.10 -9.23
CA LEU B 158 1.54 24.23 -7.80
C LEU B 158 0.30 24.99 -7.32
N ALA B 159 -0.09 26.02 -8.05
CA ALA B 159 -1.33 26.76 -7.83
C ALA B 159 -2.64 25.90 -8.08
N GLU B 160 -2.73 25.21 -9.23
CA GLU B 160 -3.93 24.44 -9.56
C GLU B 160 -4.24 23.40 -8.40
N HIS B 161 -3.21 22.71 -7.88
CA HIS B 161 -3.38 21.76 -6.78
C HIS B 161 -3.17 22.37 -5.38
N ARG B 162 -3.03 23.72 -5.32
CA ARG B 162 -2.95 24.41 -4.09
C ARG B 162 -1.86 23.84 -3.18
N ILE B 163 -0.69 23.54 -3.69
CA ILE B 163 0.32 22.88 -2.89
C ILE B 163 1.05 23.80 -1.91
N ASP B 164 1.07 23.41 -0.63
CA ASP B 164 1.90 24.08 0.33
C ASP B 164 3.32 23.66 0.32
N PHE B 165 3.66 22.35 0.27
CA PHE B 165 5.08 21.93 0.39
C PHE B 165 5.29 20.75 -0.56
N VAL B 166 6.52 20.55 -1.00
CA VAL B 166 6.90 19.46 -1.91
C VAL B 166 7.85 18.53 -1.12
N ALA B 167 7.54 17.25 -1.03
CA ALA B 167 8.43 16.27 -0.27
C ALA B 167 9.12 15.29 -1.18
N HIS B 168 10.44 15.14 -0.99
CA HIS B 168 11.17 14.21 -1.79
C HIS B 168 12.49 14.16 -1.00
N ASP B 169 13.34 13.18 -1.28
CA ASP B 169 14.69 13.15 -0.68
C ASP B 169 15.49 14.39 -1.14
N ASP B 170 16.51 14.73 -0.38
CA ASP B 170 17.29 15.99 -0.56
C ASP B 170 18.45 15.86 -1.62
N ILE B 171 18.58 14.73 -2.30
CA ILE B 171 19.67 14.56 -3.27
C ILE B 171 19.23 15.34 -4.53
N PRO B 172 20.10 16.25 -5.03
CA PRO B 172 19.78 17.02 -6.23
C PRO B 172 19.31 16.10 -7.36
N TYR B 173 18.15 16.36 -7.91
CA TYR B 173 17.66 15.52 -8.97
C TYR B 173 17.99 16.13 -10.32
N SER B 174 19.04 15.67 -10.94
CA SER B 174 19.41 16.27 -12.19
C SER B 174 18.83 15.42 -13.25
N SER B 175 17.86 15.95 -13.91
CA SER B 175 17.50 15.60 -15.25
C SER B 175 17.49 16.86 -16.04
N ALA B 176 18.12 16.85 -17.17
CA ALA B 176 19.35 17.55 -17.26
C ALA B 176 19.31 18.40 -18.50
N GLY B 177 20.07 19.47 -18.42
CA GLY B 177 19.66 20.85 -18.52
C GLY B 177 19.14 21.43 -17.23
N SER B 178 19.06 20.65 -16.18
CA SER B 178 19.11 21.15 -14.83
C SER B 178 20.01 20.34 -13.96
N ASP B 179 20.73 20.98 -13.09
CA ASP B 179 21.33 20.30 -11.96
C ASP B 179 20.39 19.73 -10.90
N ASP B 180 19.35 20.45 -10.59
CA ASP B 180 18.32 19.98 -9.71
C ASP B 180 16.90 20.45 -10.10
N VAL B 181 16.03 19.56 -10.55
CA VAL B 181 14.72 20.01 -10.93
C VAL B 181 13.95 20.54 -9.75
N TYR B 182 14.37 20.27 -8.51
CA TYR B 182 13.73 20.84 -7.30
C TYR B 182 14.33 22.19 -6.86
N LYS B 183 15.32 22.66 -7.59
CA LYS B 183 16.03 23.88 -7.27
C LYS B 183 15.11 25.10 -6.91
N HIS B 184 14.10 25.44 -7.72
CA HIS B 184 13.23 26.57 -7.55
C HIS B 184 12.31 26.35 -6.36
N ILE B 185 11.89 25.09 -6.20
CA ILE B 185 11.06 24.73 -5.00
C ILE B 185 11.86 24.94 -3.74
N LYS B 186 13.13 24.49 -3.72
CA LYS B 186 14.04 24.74 -2.53
C LYS B 186 14.24 26.24 -2.19
N GLU B 187 14.69 27.05 -3.19
CA GLU B 187 14.72 28.54 -3.11
C GLU B 187 13.42 29.24 -2.66
N ALA B 188 12.23 28.74 -3.04
CA ALA B 188 11.04 29.38 -2.65
C ALA B 188 10.62 29.02 -1.22
N GLY B 189 11.44 28.15 -0.55
CA GLY B 189 11.10 27.68 0.84
C GLY B 189 9.97 26.65 0.90
N MET B 190 9.69 25.93 -0.15
CA MET B 190 8.51 25.02 -0.09
C MET B 190 8.94 23.56 -0.06
N PHE B 191 10.24 23.28 0.05
CA PHE B 191 10.71 21.93 -0.07
C PHE B 191 10.88 21.35 1.29
N ALA B 192 10.26 20.21 1.55
CA ALA B 192 10.40 19.51 2.85
C ALA B 192 11.01 18.14 2.56
N PRO B 193 12.33 17.95 2.84
CA PRO B 193 13.11 16.74 2.52
C PRO B 193 12.71 15.48 3.32
N THR B 194 12.56 14.37 2.63
CA THR B 194 12.31 13.10 3.29
C THR B 194 13.62 12.30 3.19
N GLN B 195 13.70 11.20 3.94
CA GLN B 195 14.91 10.35 4.01
C GLN B 195 14.60 9.07 3.23
N ARG B 196 15.56 8.61 2.44
CA ARG B 196 15.44 7.35 1.76
C ARG B 196 15.56 6.16 2.71
N THR B 197 14.87 5.07 2.34
CA THR B 197 14.97 3.81 3.11
C THR B 197 16.10 3.05 2.49
N GLU B 198 17.12 2.80 3.29
CA GLU B 198 18.37 2.11 2.87
C GLU B 198 18.01 0.67 2.59
N GLY B 199 18.69 0.07 1.63
CA GLY B 199 18.56 -1.38 1.45
C GLY B 199 17.36 -1.86 0.63
N ILE B 200 16.63 -0.95 0.02
CA ILE B 200 15.58 -1.34 -0.92
C ILE B 200 15.51 -0.33 -2.04
N SER B 201 15.34 -0.82 -3.27
CA SER B 201 15.07 0.05 -4.40
C SER B 201 14.49 -0.76 -5.56
N THR B 202 13.86 -0.08 -6.52
CA THR B 202 13.41 -0.70 -7.76
C THR B 202 14.58 -1.48 -8.37
N SER B 203 15.77 -0.85 -8.47
CA SER B 203 16.98 -1.53 -9.01
C SER B 203 17.38 -2.76 -8.30
N ASP B 204 17.53 -2.66 -6.96
CA ASP B 204 17.83 -3.84 -6.12
C ASP B 204 16.81 -4.99 -6.32
N ILE B 205 15.54 -4.65 -6.53
CA ILE B 205 14.55 -5.70 -6.61
C ILE B 205 14.72 -6.41 -7.96
N ILE B 206 14.88 -5.65 -9.03
CA ILE B 206 15.11 -6.18 -10.39
C ILE B 206 16.35 -7.09 -10.38
N THR B 207 17.39 -6.59 -9.74
CA THR B 207 18.61 -7.32 -9.56
C THR B 207 18.43 -8.66 -8.85
N ARG B 208 17.66 -8.73 -7.76
CA ARG B 208 17.43 -10.05 -7.09
C ARG B 208 16.63 -10.97 -7.98
N ILE B 209 15.66 -10.41 -8.69
CA ILE B 209 14.82 -11.23 -9.54
C ILE B 209 15.65 -11.86 -10.70
N VAL B 210 16.53 -11.08 -11.30
CA VAL B 210 17.38 -11.59 -12.39
C VAL B 210 18.28 -12.72 -11.90
N ARG B 211 18.94 -12.54 -10.75
CA ARG B 211 19.70 -13.64 -10.14
C ARG B 211 18.87 -14.92 -9.88
N ASP B 212 17.63 -14.75 -9.44
CA ASP B 212 16.81 -15.86 -9.01
C ASP B 212 16.17 -16.70 -10.15
N TYR B 213 15.83 -16.07 -11.27
CA TYR B 213 14.91 -16.67 -12.27
C TYR B 213 15.38 -16.57 -13.73
N ASP B 214 16.27 -15.64 -14.02
CA ASP B 214 16.74 -15.53 -15.38
C ASP B 214 17.47 -16.81 -15.72
N VAL B 215 17.17 -17.34 -16.92
CA VAL B 215 17.82 -18.59 -17.36
C VAL B 215 19.37 -18.40 -17.51
N TYR B 216 19.77 -17.37 -18.27
CA TYR B 216 21.20 -17.04 -18.50
C TYR B 216 22.02 -17.01 -17.19
N1 CDC C . -4.43 -12.25 -5.20
C2 CDC C . -5.37 -11.68 -6.01
N3 CDC C . -5.13 -11.34 -7.26
C4 CDC C . -3.92 -11.62 -7.77
C5 CDC C . -2.89 -12.21 -6.98
C6 CDC C . -3.21 -12.54 -5.67
O2 CDC C . -6.62 -11.40 -5.64
N4 CDC C . -3.68 -11.24 -9.04
C1' CDC C . -4.79 -12.63 -3.83
C2' CDC C . -4.96 -14.13 -3.65
O2' CDC C . -6.17 -14.57 -4.32
C3' CDC C . -4.96 -14.32 -2.18
C4' CDC C . -4.08 -13.16 -1.71
O4' CDC C . -3.98 -12.14 -2.75
O3' CDC C . -6.37 -14.08 -1.69
C5' CDC C . -2.76 -13.65 -1.23
O5' CDC C . -2.16 -14.24 -2.41
PA CDC C . -0.69 -14.92 -2.32
O1A CDC C . 0.29 -14.00 -1.61
O2A CDC C . -0.30 -15.57 -3.61
O3A CDC C . -0.84 -16.09 -1.22
PB CDC C . -1.42 -17.58 -1.45
O1B CDC C . -1.35 -18.12 0.04
O2B CDC C . -2.82 -17.47 -1.99
O3B CDC C . -0.40 -18.45 -2.06
C14 CDC C . -2.53 -18.10 0.83
C15 CDC C . -2.15 -18.36 2.31
N11 CDC C . -1.68 -19.71 2.63
C16 CDC C . -2.59 -20.76 2.14
C17 CDC C . -1.61 -19.77 4.09
C18 CDC C . -0.35 -20.00 2.08
C1 GOL D . -17.64 -21.75 0.74
O1 GOL D . -18.36 -21.57 1.92
C2 GOL D . -17.58 -20.48 -0.11
O2 GOL D . -16.67 -20.70 -1.18
C3 GOL D . -18.94 -20.07 -0.68
O3 GOL D . -19.53 -21.05 -1.53
C FMT E . -3.32 -5.21 -14.68
O1 FMT E . -3.81 -6.04 -13.91
O2 FMT E . -2.13 -4.83 -14.67
C FMT F . -9.77 -16.09 -9.45
O1 FMT F . -10.72 -15.86 -8.62
O2 FMT F . -9.68 -16.79 -10.54
C FMT G . 1.07 10.86 13.50
O1 FMT G . 1.62 9.77 13.84
O2 FMT G . 1.35 12.04 13.87
C FMT H . -9.07 -7.11 -13.61
O1 FMT H . -9.84 -7.92 -13.07
O2 FMT H . -8.95 -6.89 -14.83
N1 CDC I . 12.39 6.60 -2.04
C2 CDC I . 12.80 6.34 -0.77
N3 CDC I . 13.51 5.24 -0.44
C4 CDC I . 13.82 4.37 -1.39
C5 CDC I . 13.41 4.58 -2.72
C6 CDC I . 12.71 5.75 -3.02
O2 CDC I . 12.55 7.20 0.25
N4 CDC I . 14.53 3.28 -1.05
C1' CDC I . 11.63 7.81 -2.30
C2' CDC I . 12.39 8.80 -3.17
O2' CDC I . 13.31 9.50 -2.36
C3' CDC I . 11.27 9.69 -3.65
C4' CDC I . 10.07 8.76 -3.77
O4' CDC I . 10.43 7.56 -3.05
O3' CDC I . 10.98 10.69 -2.64
C5' CDC I . 9.80 8.37 -5.21
O5' CDC I . 11.03 7.89 -5.82
PA CDC I . 11.08 7.34 -7.31
O1A CDC I . 9.77 6.66 -7.68
O2A CDC I . 12.41 6.79 -7.56
O3A CDC I . 10.96 8.71 -8.15
PB CDC I . 12.15 9.73 -8.54
O1B CDC I . 11.28 10.88 -9.26
O2B CDC I . 12.79 10.30 -7.31
O3B CDC I . 12.99 9.21 -9.65
C14 CDC I . 10.98 12.09 -8.61
C15 CDC I . 9.87 12.72 -9.46
N11 CDC I . 10.33 13.45 -10.65
C16 CDC I . 11.45 14.34 -10.36
C17 CDC I . 9.21 14.31 -11.11
C18 CDC I . 10.69 12.47 -11.68
C FMT J . 21.37 24.87 -13.33
O1 FMT J . 20.65 24.04 -12.77
O2 FMT J . 22.37 24.59 -14.00
C FMT K . -5.81 13.27 -11.80
O1 FMT K . -6.99 12.99 -12.09
O2 FMT K . -4.88 12.62 -12.19
C FMT L . -1.14 0.92 -20.20
O1 FMT L . -1.06 1.91 -19.45
O2 FMT L . -0.17 0.36 -20.71
#